data_2ELA
#
_entry.id   2ELA
#
_cell.length_a   45.533
_cell.length_b   61.593
_cell.length_c   60.745
_cell.angle_alpha   90.00
_cell.angle_beta   101.22
_cell.angle_gamma   90.00
#
_symmetry.space_group_name_H-M   'P 1 21 1'
#
loop_
_entity.id
_entity.type
_entity.pdbx_description
1 polymer 'Adapter protein containing PH domain, PTB domain and leucine zipper motif 1'
2 water water
#
_entity_poly.entity_id   1
_entity_poly.type   'polypeptide(L)'
_entity_poly.pdbx_seq_one_letter_code
;MGSSHHHHHHSSGLVPRGSHMTEDSILHQLFIVRFLGSMEVKSDDHPDVVYETMRQILAARAIHNIFRMTESHLLVTCDC
LKLIDPQTQVTRLTFPLPCVVLYATHQENKRLFGFVLRTSSGRSESNLSSVCYIFESNNEGEKICDSVGLAKQIALHAEL
DRRASEKQKEIERVK
;
_entity_poly.pdbx_strand_id   A,B
#
# COMPACT_ATOMS: atom_id res chain seq x y z
N SER A 25 -8.92 -27.51 12.39
CA SER A 25 -7.65 -27.07 11.74
C SER A 25 -7.78 -25.65 11.21
N ILE A 26 -6.72 -24.88 11.37
CA ILE A 26 -6.69 -23.48 10.93
C ILE A 26 -5.41 -23.22 10.14
N LEU A 27 -5.41 -22.16 9.34
CA LEU A 27 -4.23 -21.81 8.56
C LEU A 27 -3.55 -20.58 9.14
N HIS A 28 -2.29 -20.75 9.53
CA HIS A 28 -1.51 -19.67 10.11
C HIS A 28 -0.04 -20.03 9.86
N GLN A 29 0.44 -19.66 8.68
CA GLN A 29 1.81 -19.95 8.28
C GLN A 29 2.65 -18.72 8.11
N LEU A 30 3.85 -18.76 8.72
CA LEU A 30 4.79 -17.65 8.65
C LEU A 30 5.96 -18.02 7.73
N PHE A 31 6.41 -17.05 6.92
CA PHE A 31 7.53 -17.23 6.01
C PHE A 31 8.45 -16.02 6.08
N ILE A 32 9.76 -16.23 6.03
CA ILE A 32 10.68 -15.10 6.05
C ILE A 32 10.74 -14.56 4.60
N VAL A 33 10.60 -13.25 4.43
CA VAL A 33 10.66 -12.65 3.09
C VAL A 33 11.41 -11.33 3.12
N ARG A 34 11.85 -10.88 1.95
CA ARG A 34 12.56 -9.61 1.80
C ARG A 34 11.94 -8.84 0.64
N PHE A 35 11.52 -7.61 0.90
CA PHE A 35 10.88 -6.78 -0.11
C PHE A 35 11.85 -6.18 -1.13
N LEU A 36 11.55 -6.39 -2.41
CA LEU A 36 12.38 -5.87 -3.49
C LEU A 36 11.85 -4.60 -4.15
N GLY A 37 10.54 -4.53 -4.38
CA GLY A 37 9.97 -3.35 -5.00
C GLY A 37 8.54 -3.53 -5.47
N SER A 38 7.93 -2.44 -5.94
CA SER A 38 6.55 -2.45 -6.43
C SER A 38 6.35 -1.48 -7.60
N MET A 39 5.32 -1.76 -8.41
CA MET A 39 4.97 -0.93 -9.56
C MET A 39 3.47 -0.92 -9.79
N GLU A 40 2.92 0.23 -10.20
CA GLU A 40 1.51 0.26 -10.54
C GLU A 40 1.45 -0.48 -11.89
N VAL A 41 0.43 -1.29 -12.11
CA VAL A 41 0.30 -2.02 -13.36
C VAL A 41 -1.13 -1.90 -13.86
N LYS A 42 -1.38 -2.40 -15.07
CA LYS A 42 -2.72 -2.36 -15.64
C LYS A 42 -3.51 -3.48 -14.99
N SER A 43 -4.83 -3.32 -14.92
CA SER A 43 -5.69 -4.34 -14.35
C SER A 43 -5.93 -5.40 -15.41
N ASP A 44 -4.88 -6.14 -15.76
CA ASP A 44 -4.95 -7.17 -16.79
C ASP A 44 -5.61 -8.45 -16.28
N ASP A 45 -4.83 -9.54 -16.23
CA ASP A 45 -5.36 -10.83 -15.77
C ASP A 45 -4.42 -12.03 -15.93
N HIS A 46 -3.17 -11.80 -16.30
CA HIS A 46 -2.25 -12.92 -16.48
C HIS A 46 -0.97 -12.84 -15.66
N PRO A 47 -0.48 -13.98 -15.17
CA PRO A 47 0.74 -14.09 -14.36
C PRO A 47 1.94 -13.36 -14.96
N ASP A 48 1.85 -13.01 -16.25
CA ASP A 48 2.95 -12.32 -16.91
C ASP A 48 3.19 -10.94 -16.30
N VAL A 49 2.13 -10.33 -15.78
CA VAL A 49 2.24 -9.03 -15.14
C VAL A 49 3.25 -9.14 -13.99
N VAL A 50 3.16 -10.22 -13.21
CA VAL A 50 4.08 -10.43 -12.08
C VAL A 50 5.51 -10.60 -12.59
N TYR A 51 5.68 -11.54 -13.52
CA TYR A 51 7.00 -11.82 -14.09
C TYR A 51 7.63 -10.57 -14.70
N GLU A 52 6.86 -9.82 -15.48
CA GLU A 52 7.37 -8.60 -16.10
C GLU A 52 7.78 -7.58 -15.03
N THR A 53 7.00 -7.50 -13.95
CA THR A 53 7.29 -6.58 -12.84
C THR A 53 8.54 -7.04 -12.09
N MET A 54 8.71 -8.36 -11.93
CA MET A 54 9.90 -8.86 -11.23
C MET A 54 11.14 -8.44 -12.00
N ARG A 55 11.12 -8.59 -13.32
CA ARG A 55 12.25 -8.22 -14.17
C ARG A 55 12.53 -6.72 -14.15
N GLN A 56 11.51 -5.90 -14.37
CA GLN A 56 11.71 -4.46 -14.40
C GLN A 56 12.25 -3.92 -13.08
N ILE A 57 11.83 -4.52 -11.97
CA ILE A 57 12.27 -4.11 -10.63
C ILE A 57 13.71 -4.53 -10.36
N LEU A 58 14.04 -5.78 -10.68
CA LEU A 58 15.40 -6.26 -10.47
C LEU A 58 16.35 -5.44 -11.32
N ALA A 59 15.92 -5.08 -12.54
CA ALA A 59 16.74 -4.28 -13.44
C ALA A 59 16.95 -2.87 -12.88
N ALA A 60 15.87 -2.20 -12.49
CA ALA A 60 15.98 -0.85 -11.94
C ALA A 60 16.88 -0.80 -10.71
N ARG A 61 16.77 -1.80 -9.83
CA ARG A 61 17.59 -1.84 -8.62
C ARG A 61 19.08 -1.91 -8.96
N ALA A 62 19.46 -2.86 -9.80
CA ALA A 62 20.86 -3.05 -10.19
C ALA A 62 21.44 -1.87 -10.98
N ILE A 63 20.67 -1.34 -11.93
CA ILE A 63 21.14 -0.22 -12.74
C ILE A 63 21.43 0.99 -11.86
N HIS A 64 20.68 1.11 -10.77
CA HIS A 64 20.83 2.22 -9.86
C HIS A 64 21.59 1.88 -8.57
N ASN A 65 22.32 0.76 -8.59
CA ASN A 65 23.15 0.31 -7.47
C ASN A 65 22.45 0.06 -6.12
N ILE A 66 21.23 -0.47 -6.16
CA ILE A 66 20.48 -0.76 -4.94
C ILE A 66 20.60 -2.23 -4.54
N PHE A 67 21.07 -2.49 -3.32
CA PHE A 67 21.24 -3.86 -2.81
C PHE A 67 20.43 -4.14 -1.55
N ARG A 68 20.17 -3.09 -0.78
CA ARG A 68 19.42 -3.19 0.47
C ARG A 68 18.07 -3.88 0.29
N MET A 69 17.61 -4.55 1.36
CA MET A 69 16.32 -5.25 1.36
C MET A 69 15.73 -5.28 2.77
N THR A 70 14.42 -5.06 2.85
CA THR A 70 13.73 -5.09 4.13
C THR A 70 13.18 -6.50 4.38
N GLU A 71 13.66 -7.14 5.46
CA GLU A 71 13.20 -8.48 5.82
C GLU A 71 12.02 -8.43 6.79
N SER A 72 11.02 -9.26 6.51
CA SER A 72 9.82 -9.35 7.35
C SER A 72 9.34 -10.80 7.38
N HIS A 73 8.31 -11.05 8.17
CA HIS A 73 7.69 -12.37 8.23
C HIS A 73 6.37 -12.18 7.49
N LEU A 74 6.15 -12.97 6.46
CA LEU A 74 4.89 -12.89 5.72
C LEU A 74 3.97 -13.88 6.41
N LEU A 75 2.82 -13.42 6.87
CA LEU A 75 1.87 -14.30 7.53
C LEU A 75 0.67 -14.50 6.61
N VAL A 76 0.28 -15.76 6.41
CA VAL A 76 -0.86 -16.09 5.55
C VAL A 76 -2.02 -16.67 6.37
N THR A 77 -3.19 -16.03 6.28
CA THR A 77 -4.39 -16.49 6.96
C THR A 77 -5.49 -16.55 5.89
N CYS A 78 -6.64 -17.11 6.24
CA CYS A 78 -7.72 -17.20 5.27
C CYS A 78 -8.38 -15.85 5.05
N ASP A 79 -7.99 -14.85 5.85
CA ASP A 79 -8.56 -13.51 5.73
C ASP A 79 -7.62 -12.50 5.11
N CYS A 80 -6.32 -12.73 5.21
CA CYS A 80 -5.38 -11.78 4.64
C CYS A 80 -3.93 -12.19 4.61
N LEU A 81 -3.13 -11.33 3.98
CA LEU A 81 -1.70 -11.48 3.89
C LEU A 81 -1.17 -10.33 4.75
N LYS A 82 -0.19 -10.61 5.60
CA LYS A 82 0.41 -9.58 6.44
C LYS A 82 1.94 -9.64 6.43
N LEU A 83 2.58 -8.49 6.54
CA LEU A 83 4.04 -8.42 6.58
C LEU A 83 4.33 -7.95 8.00
N ILE A 84 5.06 -8.76 8.75
CA ILE A 84 5.38 -8.48 10.15
C ILE A 84 6.88 -8.28 10.42
N ASP A 85 7.20 -7.39 11.36
CA ASP A 85 8.59 -7.15 11.73
C ASP A 85 9.00 -8.28 12.67
N PRO A 86 10.01 -9.08 12.28
CA PRO A 86 10.53 -10.22 13.05
C PRO A 86 10.76 -10.04 14.55
N GLN A 87 11.49 -9.00 14.94
CA GLN A 87 11.78 -8.80 16.35
C GLN A 87 10.67 -8.11 17.14
N THR A 88 10.14 -7.00 16.63
CA THR A 88 9.09 -6.28 17.33
C THR A 88 7.72 -6.93 17.21
N GLN A 89 7.52 -7.73 16.17
CA GLN A 89 6.27 -8.42 15.93
C GLN A 89 5.15 -7.45 15.56
N VAL A 90 5.53 -6.29 15.03
CA VAL A 90 4.57 -5.29 14.61
C VAL A 90 4.22 -5.52 13.14
N THR A 91 2.93 -5.45 12.81
CA THR A 91 2.46 -5.64 11.44
C THR A 91 2.68 -4.36 10.65
N ARG A 92 3.52 -4.41 9.63
CA ARG A 92 3.79 -3.21 8.82
C ARG A 92 2.76 -2.96 7.73
N LEU A 93 2.24 -4.03 7.14
CA LEU A 93 1.24 -3.93 6.08
C LEU A 93 0.30 -5.13 6.17
N THR A 94 -0.95 -4.93 5.74
CA THR A 94 -1.94 -6.01 5.69
C THR A 94 -2.68 -5.87 4.36
N PHE A 95 -2.94 -6.98 3.69
CA PHE A 95 -3.64 -6.96 2.41
C PHE A 95 -4.84 -7.91 2.45
N PRO A 96 -6.04 -7.41 2.18
CA PRO A 96 -7.22 -8.29 2.21
C PRO A 96 -7.05 -9.38 1.16
N LEU A 97 -7.12 -10.64 1.57
CA LEU A 97 -6.93 -11.76 0.67
C LEU A 97 -7.80 -11.68 -0.60
N PRO A 98 -9.04 -11.22 -0.49
CA PRO A 98 -9.86 -11.15 -1.72
C PRO A 98 -9.39 -10.11 -2.74
N CYS A 99 -8.49 -9.22 -2.33
CA CYS A 99 -7.94 -8.19 -3.22
C CYS A 99 -6.65 -8.70 -3.86
N VAL A 100 -6.11 -9.79 -3.33
CA VAL A 100 -4.90 -10.40 -3.88
C VAL A 100 -5.43 -11.23 -5.04
N VAL A 101 -5.49 -10.60 -6.21
CA VAL A 101 -6.04 -11.22 -7.41
C VAL A 101 -5.08 -12.09 -8.22
N LEU A 102 -3.78 -11.87 -8.05
CA LEU A 102 -2.77 -12.64 -8.76
C LEU A 102 -1.58 -12.79 -7.83
N TYR A 103 -0.92 -13.95 -7.90
CA TYR A 103 0.24 -14.21 -7.07
C TYR A 103 1.03 -15.35 -7.71
N ALA A 104 2.35 -15.27 -7.63
CA ALA A 104 3.17 -16.32 -8.22
C ALA A 104 4.64 -16.20 -7.86
N THR A 105 5.32 -17.32 -7.98
CA THR A 105 6.75 -17.36 -7.73
C THR A 105 7.29 -17.49 -9.15
N HIS A 106 8.57 -17.25 -9.36
CA HIS A 106 9.08 -17.37 -10.72
C HIS A 106 9.45 -18.83 -10.96
N GLN A 107 8.98 -19.37 -12.08
CA GLN A 107 9.24 -20.76 -12.45
C GLN A 107 10.73 -21.10 -12.49
N GLU A 108 11.56 -20.12 -12.84
CA GLU A 108 13.01 -20.32 -12.92
C GLU A 108 13.78 -19.91 -11.67
N ASN A 109 13.06 -19.48 -10.64
CA ASN A 109 13.71 -19.07 -9.39
C ASN A 109 12.66 -18.96 -8.30
N LYS A 110 12.51 -20.05 -7.54
CA LYS A 110 11.53 -20.13 -6.45
C LYS A 110 11.84 -19.23 -5.28
N ARG A 111 12.92 -18.47 -5.39
CA ARG A 111 13.31 -17.56 -4.32
C ARG A 111 12.47 -16.29 -4.46
N LEU A 112 11.89 -16.10 -5.64
CA LEU A 112 11.10 -14.90 -5.92
C LEU A 112 9.58 -15.15 -5.81
N PHE A 113 8.88 -14.17 -5.24
CA PHE A 113 7.43 -14.25 -5.08
C PHE A 113 6.82 -12.87 -5.31
N GLY A 114 5.65 -12.82 -5.92
CA GLY A 114 5.01 -11.55 -6.17
C GLY A 114 3.50 -11.70 -6.25
N PHE A 115 2.79 -10.61 -6.00
CA PHE A 115 1.33 -10.64 -6.11
C PHE A 115 0.80 -9.27 -6.51
N VAL A 116 -0.41 -9.24 -7.03
CA VAL A 116 -1.04 -8.00 -7.46
C VAL A 116 -2.19 -7.66 -6.53
N LEU A 117 -2.21 -6.43 -6.04
CA LEU A 117 -3.28 -6.02 -5.15
C LEU A 117 -4.19 -5.14 -6.00
N ARG A 118 -5.45 -5.52 -6.11
CA ARG A 118 -6.40 -4.76 -6.89
C ARG A 118 -7.45 -4.15 -5.98
N THR A 119 -7.48 -2.83 -5.90
CA THR A 119 -8.46 -2.14 -5.05
C THR A 119 -9.64 -1.66 -5.89
N SER A 120 -10.84 -1.80 -5.34
CA SER A 120 -12.07 -1.38 -6.02
C SER A 120 -12.29 0.12 -5.86
N LEU A 128 -9.66 -1.51 -11.76
CA LEU A 128 -9.71 -0.09 -11.41
C LEU A 128 -8.30 0.44 -11.13
N SER A 129 -7.67 -0.06 -10.07
CA SER A 129 -6.32 0.36 -9.70
C SER A 129 -5.54 -0.86 -9.20
N SER A 130 -4.37 -1.11 -9.80
CA SER A 130 -3.56 -2.27 -9.40
C SER A 130 -2.09 -1.96 -9.18
N VAL A 131 -1.52 -2.62 -8.19
CA VAL A 131 -0.10 -2.49 -7.83
C VAL A 131 0.47 -3.88 -7.64
N CYS A 132 1.64 -4.10 -8.23
CA CYS A 132 2.31 -5.39 -8.12
C CYS A 132 3.47 -5.33 -7.12
N TYR A 133 3.49 -6.24 -6.14
CA TYR A 133 4.54 -6.29 -5.11
C TYR A 133 5.48 -7.49 -5.29
N ILE A 134 6.78 -7.23 -5.27
CA ILE A 134 7.78 -8.27 -5.47
C ILE A 134 8.66 -8.56 -4.26
N PHE A 135 8.81 -9.84 -3.92
CA PHE A 135 9.63 -10.28 -2.78
C PHE A 135 10.60 -11.42 -3.12
N GLU A 136 11.52 -11.62 -2.19
CA GLU A 136 12.52 -12.68 -2.26
C GLU A 136 12.25 -13.51 -1.00
N SER A 137 12.50 -14.81 -1.05
CA SER A 137 12.28 -15.67 0.11
C SER A 137 13.37 -16.72 0.17
N ASN A 138 13.45 -17.42 1.30
CA ASN A 138 14.45 -18.46 1.49
C ASN A 138 14.03 -19.73 0.75
N ASN A 139 13.89 -19.61 -0.57
CA ASN A 139 13.51 -20.73 -1.43
C ASN A 139 12.12 -21.29 -1.09
N GLU A 140 11.21 -20.42 -0.66
CA GLU A 140 9.88 -20.87 -0.29
C GLU A 140 8.77 -20.34 -1.18
N GLY A 141 9.15 -19.86 -2.37
CA GLY A 141 8.19 -19.30 -3.31
C GLY A 141 7.00 -20.19 -3.59
N GLU A 142 7.24 -21.48 -3.80
CA GLU A 142 6.17 -22.42 -4.08
C GLU A 142 5.31 -22.65 -2.84
N LYS A 143 5.95 -22.78 -1.69
CA LYS A 143 5.26 -22.98 -0.41
C LYS A 143 4.31 -21.83 -0.12
N ILE A 144 4.76 -20.61 -0.42
CA ILE A 144 3.96 -19.43 -0.18
C ILE A 144 2.71 -19.47 -1.06
N CYS A 145 2.89 -19.73 -2.34
CA CYS A 145 1.75 -19.80 -3.25
C CYS A 145 0.75 -20.88 -2.81
N ASP A 146 1.25 -22.04 -2.40
CA ASP A 146 0.35 -23.12 -1.97
C ASP A 146 -0.42 -22.67 -0.73
N SER A 147 0.27 -21.95 0.15
CA SER A 147 -0.33 -21.45 1.38
C SER A 147 -1.48 -20.48 1.06
N VAL A 148 -1.22 -19.55 0.13
CA VAL A 148 -2.21 -18.58 -0.28
C VAL A 148 -3.40 -19.29 -0.93
N GLY A 149 -3.11 -20.18 -1.87
CA GLY A 149 -4.19 -20.92 -2.53
C GLY A 149 -5.07 -21.63 -1.51
N LEU A 150 -4.45 -22.31 -0.57
CA LEU A 150 -5.17 -23.05 0.45
C LEU A 150 -5.96 -22.07 1.33
N ALA A 151 -5.36 -20.93 1.63
CA ALA A 151 -6.03 -19.91 2.42
C ALA A 151 -7.29 -19.42 1.71
N LYS A 152 -7.21 -19.26 0.40
CA LYS A 152 -8.37 -18.81 -0.36
C LYS A 152 -9.46 -19.88 -0.39
N GLN A 153 -9.08 -21.15 -0.37
CA GLN A 153 -10.05 -22.24 -0.36
C GLN A 153 -10.81 -22.29 0.96
N ILE A 154 -10.09 -22.05 2.05
CA ILE A 154 -10.71 -22.05 3.37
C ILE A 154 -11.68 -20.88 3.46
N ALA A 155 -11.29 -19.73 2.91
CA ALA A 155 -12.14 -18.54 2.92
C ALA A 155 -13.39 -18.78 2.06
N LEU A 156 -13.22 -19.45 0.93
CA LEU A 156 -14.36 -19.75 0.05
C LEU A 156 -15.34 -20.72 0.74
N HIS A 157 -14.81 -21.70 1.46
CA HIS A 157 -15.62 -22.67 2.20
C HIS A 157 -16.52 -21.93 3.19
N ALA A 158 -15.90 -21.04 3.96
CA ALA A 158 -16.64 -20.25 4.93
C ALA A 158 -17.72 -19.43 4.22
N GLU A 159 -17.38 -18.88 3.05
CA GLU A 159 -18.31 -18.07 2.28
C GLU A 159 -19.54 -18.85 1.84
N LEU A 160 -19.33 -20.11 1.44
CA LEU A 160 -20.41 -20.95 0.98
C LEU A 160 -21.18 -21.65 2.11
N ASP A 161 -20.59 -21.71 3.31
CA ASP A 161 -21.22 -22.37 4.45
C ASP A 161 -22.18 -21.49 5.25
N ARG A 162 -23.27 -22.09 5.71
CA ARG A 162 -24.27 -21.41 6.52
C ARG A 162 -23.64 -20.85 7.79
N HIS B 28 -1.53 18.60 -12.25
CA HIS B 28 -1.28 17.87 -11.01
C HIS B 28 -0.09 18.46 -10.25
N GLN B 29 -0.04 18.23 -8.94
CA GLN B 29 1.03 18.76 -8.10
C GLN B 29 2.02 17.68 -7.65
N LEU B 30 3.31 17.98 -7.75
CA LEU B 30 4.38 17.05 -7.35
C LEU B 30 5.14 17.55 -6.12
N PHE B 31 5.51 16.61 -5.25
CA PHE B 31 6.28 16.93 -4.03
C PHE B 31 7.34 15.86 -3.75
N ILE B 32 8.51 16.29 -3.32
CA ILE B 32 9.58 15.36 -2.99
C ILE B 32 9.31 14.82 -1.58
N VAL B 33 9.33 13.49 -1.40
CA VAL B 33 9.10 12.89 -0.08
C VAL B 33 10.03 11.69 0.17
N ARG B 34 10.16 11.30 1.43
CA ARG B 34 10.99 10.15 1.82
C ARG B 34 10.22 9.26 2.79
N PHE B 35 10.02 8.00 2.41
CA PHE B 35 9.26 7.05 3.20
C PHE B 35 9.97 6.63 4.49
N LEU B 36 9.25 6.68 5.60
CA LEU B 36 9.82 6.31 6.90
C LEU B 36 9.31 4.97 7.40
N GLY B 37 8.05 4.65 7.11
CA GLY B 37 7.52 3.38 7.55
C GLY B 37 6.01 3.32 7.57
N SER B 38 5.48 2.15 7.94
CA SER B 38 4.04 1.96 7.97
C SER B 38 3.63 0.87 8.96
N MET B 39 2.35 0.86 9.33
CA MET B 39 1.84 -0.18 10.20
C MET B 39 0.33 -0.27 10.13
N GLU B 40 -0.20 -1.45 10.41
CA GLU B 40 -1.63 -1.62 10.39
C GLU B 40 -2.12 -0.89 11.64
N VAL B 41 -3.28 -0.26 11.52
CA VAL B 41 -3.89 0.46 12.63
C VAL B 41 -5.37 0.16 12.62
N LYS B 42 -6.04 0.38 13.76
CA LYS B 42 -7.48 0.16 13.84
C LYS B 42 -8.06 1.29 12.99
N SER B 43 -7.44 2.45 13.10
CA SER B 43 -7.83 3.64 12.38
C SER B 43 -9.23 4.12 12.66
N ASP B 44 -9.34 5.09 13.56
CA ASP B 44 -10.63 5.66 13.88
C ASP B 44 -10.80 6.64 12.73
N ASP B 45 -11.77 7.53 12.82
CA ASP B 45 -11.95 8.50 11.77
C ASP B 45 -11.29 9.78 12.27
N HIS B 46 -10.18 9.61 12.99
CA HIS B 46 -9.48 10.76 13.54
C HIS B 46 -7.97 10.74 13.29
N PRO B 47 -7.38 11.93 13.09
CA PRO B 47 -5.97 12.21 12.82
C PRO B 47 -4.98 11.67 13.85
N ASP B 48 -5.39 11.58 15.12
CA ASP B 48 -4.49 11.11 16.17
C ASP B 48 -3.83 9.78 15.80
N VAL B 49 -4.50 8.98 14.98
CA VAL B 49 -3.97 7.70 14.53
C VAL B 49 -2.65 7.97 13.80
N VAL B 50 -2.66 9.00 12.97
CA VAL B 50 -1.49 9.36 12.19
C VAL B 50 -0.32 9.79 13.08
N TYR B 51 -0.61 10.62 14.10
CA TYR B 51 0.43 11.09 15.01
C TYR B 51 1.02 9.94 15.85
N GLU B 52 0.17 9.03 16.34
CA GLU B 52 0.66 7.91 17.13
C GLU B 52 1.56 7.02 16.29
N THR B 53 1.18 6.83 15.03
CA THR B 53 1.95 6.00 14.11
C THR B 53 3.30 6.66 13.80
N MET B 54 3.29 7.99 13.66
CA MET B 54 4.53 8.73 13.39
C MET B 54 5.51 8.46 14.53
N ARG B 55 5.03 8.53 15.77
CA ARG B 55 5.89 8.31 16.94
C ARG B 55 6.46 6.89 17.05
N GLN B 56 5.60 5.89 16.92
CA GLN B 56 6.05 4.50 16.99
C GLN B 56 7.07 4.17 15.91
N ILE B 57 6.85 4.71 14.71
CA ILE B 57 7.76 4.48 13.59
C ILE B 57 9.11 5.16 13.83
N LEU B 58 9.09 6.40 14.29
CA LEU B 58 10.36 7.08 14.55
C LEU B 58 11.10 6.36 15.69
N ALA B 59 10.36 5.91 16.70
CA ALA B 59 10.98 5.20 17.83
C ALA B 59 11.60 3.86 17.41
N ALA B 60 10.87 3.08 16.61
CA ALA B 60 11.37 1.79 16.14
C ALA B 60 12.63 1.95 15.31
N ARG B 61 12.66 2.93 14.42
CA ARG B 61 13.82 3.17 13.55
C ARG B 61 15.07 3.46 14.37
N ALA B 62 14.96 4.41 15.30
CA ALA B 62 16.11 4.78 16.13
C ALA B 62 16.57 3.69 17.10
N ILE B 63 15.64 3.03 17.77
CA ILE B 63 15.98 1.95 18.70
C ILE B 63 16.75 0.87 17.94
N HIS B 64 16.42 0.67 16.67
CA HIS B 64 17.08 -0.36 15.88
C HIS B 64 18.19 0.14 14.97
N ASN B 65 18.60 1.39 15.18
CA ASN B 65 19.70 2.01 14.43
C ASN B 65 19.46 2.16 12.93
N ILE B 66 18.23 2.46 12.54
CA ILE B 66 17.89 2.62 11.12
C ILE B 66 17.89 4.11 10.74
N PHE B 67 18.68 4.47 9.73
CA PHE B 67 18.77 5.87 9.31
C PHE B 67 18.41 6.16 7.85
N ARG B 68 18.72 5.22 6.98
CA ARG B 68 18.44 5.36 5.55
C ARG B 68 16.96 5.45 5.20
N MET B 69 16.66 6.14 4.11
CA MET B 69 15.28 6.30 3.62
C MET B 69 15.24 6.51 2.11
N THR B 70 14.22 5.96 1.47
CA THR B 70 14.04 6.06 0.02
C THR B 70 13.27 7.30 -0.42
N GLU B 71 13.85 8.06 -1.34
CA GLU B 71 13.23 9.27 -1.84
C GLU B 71 12.36 9.02 -3.07
N SER B 72 11.16 9.61 -3.06
CA SER B 72 10.21 9.49 -4.17
C SER B 72 9.54 10.82 -4.43
N HIS B 73 8.68 10.85 -5.45
CA HIS B 73 7.91 12.04 -5.76
C HIS B 73 6.47 11.69 -5.47
N LEU B 74 5.79 12.49 -4.66
CA LEU B 74 4.38 12.27 -4.37
C LEU B 74 3.60 13.09 -5.38
N LEU B 75 2.67 12.46 -6.09
CA LEU B 75 1.86 13.14 -7.08
C LEU B 75 0.39 13.19 -6.65
N VAL B 76 -0.18 14.39 -6.61
CA VAL B 76 -1.58 14.53 -6.23
C VAL B 76 -2.44 14.93 -7.44
N THR B 77 -3.46 14.15 -7.73
CA THR B 77 -4.39 14.45 -8.82
C THR B 77 -5.79 14.33 -8.23
N CYS B 78 -6.80 14.73 -9.00
CA CYS B 78 -8.17 14.63 -8.52
C CYS B 78 -8.66 13.20 -8.30
N ASP B 79 -7.98 12.23 -8.92
CA ASP B 79 -8.36 10.83 -8.79
C ASP B 79 -7.52 10.01 -7.81
N CYS B 80 -6.28 10.43 -7.57
CA CYS B 80 -5.46 9.65 -6.66
C CYS B 80 -4.16 10.28 -6.22
N LEU B 81 -3.45 9.52 -5.40
CA LEU B 81 -2.14 9.86 -4.86
C LEU B 81 -1.23 8.78 -5.44
N LYS B 82 -0.06 9.18 -5.93
CA LYS B 82 0.88 8.22 -6.46
C LYS B 82 2.28 8.52 -5.93
N LEU B 83 3.11 7.48 -5.82
CA LEU B 83 4.50 7.64 -5.39
C LEU B 83 5.33 7.27 -6.63
N ILE B 84 6.13 8.21 -7.10
CA ILE B 84 6.94 8.01 -8.30
C ILE B 84 8.44 7.89 -8.00
N ASP B 85 9.12 6.98 -8.69
CA ASP B 85 10.57 6.81 -8.50
C ASP B 85 11.17 7.91 -9.37
N PRO B 86 11.85 8.88 -8.74
CA PRO B 86 12.47 10.00 -9.46
C PRO B 86 13.53 9.59 -10.49
N GLN B 87 14.20 8.46 -10.23
CA GLN B 87 15.25 7.98 -11.13
C GLN B 87 14.77 7.31 -12.41
N THR B 88 13.48 6.96 -12.44
CA THR B 88 12.93 6.26 -13.61
C THR B 88 11.60 6.84 -14.09
N GLN B 89 10.97 7.63 -13.23
CA GLN B 89 9.66 8.22 -13.52
C GLN B 89 8.56 7.16 -13.52
N VAL B 90 8.86 6.00 -12.95
CA VAL B 90 7.91 4.91 -12.86
C VAL B 90 7.10 5.05 -11.55
N THR B 91 5.80 4.81 -11.63
CA THR B 91 4.92 4.90 -10.47
C THR B 91 5.06 3.63 -9.62
N ARG B 92 5.52 3.80 -8.38
CA ARG B 92 5.73 2.68 -7.46
C ARG B 92 4.45 2.24 -6.75
N LEU B 93 3.66 3.21 -6.33
CA LEU B 93 2.42 2.95 -5.65
C LEU B 93 1.38 3.98 -6.09
N THR B 94 0.12 3.58 -6.07
CA THR B 94 -0.97 4.49 -6.42
C THR B 94 -2.10 4.17 -5.45
N PHE B 95 -2.67 5.21 -4.86
CA PHE B 95 -3.76 5.07 -3.89
C PHE B 95 -5.00 5.82 -4.34
N PRO B 96 -6.14 5.13 -4.49
CA PRO B 96 -7.35 5.84 -4.92
C PRO B 96 -7.73 6.89 -3.87
N LEU B 97 -8.00 8.11 -4.32
CA LEU B 97 -8.35 9.21 -3.42
C LEU B 97 -9.47 8.86 -2.45
N PRO B 98 -10.52 8.17 -2.92
CA PRO B 98 -11.62 7.82 -2.01
C PRO B 98 -11.20 6.94 -0.82
N CYS B 99 -10.08 6.22 -0.95
CA CYS B 99 -9.58 5.34 0.10
C CYS B 99 -8.62 6.03 1.07
N VAL B 100 -8.18 7.23 0.73
CA VAL B 100 -7.27 7.99 1.58
C VAL B 100 -8.24 8.70 2.52
N VAL B 101 -8.50 8.08 3.67
CA VAL B 101 -9.46 8.61 4.63
C VAL B 101 -8.90 9.62 5.62
N LEU B 102 -7.60 9.56 5.88
CA LEU B 102 -6.95 10.48 6.79
C LEU B 102 -5.61 10.92 6.20
N TYR B 103 -5.28 12.19 6.41
CA TYR B 103 -4.02 12.77 5.96
C TYR B 103 -3.66 13.90 6.90
N ALA B 104 -2.39 13.98 7.27
CA ALA B 104 -1.97 15.02 8.19
C ALA B 104 -0.47 15.19 8.24
N THR B 105 -0.07 16.38 8.64
CA THR B 105 1.35 16.72 8.82
C THR B 105 1.40 16.91 10.32
N HIS B 106 2.58 16.83 10.92
CA HIS B 106 2.63 16.99 12.37
C HIS B 106 2.65 18.46 12.76
N GLN B 107 1.78 18.82 13.70
CA GLN B 107 1.66 20.17 14.20
C GLN B 107 2.99 20.80 14.57
N GLU B 108 3.88 19.98 15.14
CA GLU B 108 5.18 20.48 15.55
C GLU B 108 6.33 20.14 14.61
N ASN B 109 6.02 19.64 13.42
CA ASN B 109 7.04 19.30 12.45
C ASN B 109 6.43 19.15 11.05
N LYS B 110 6.43 20.24 10.28
CA LYS B 110 5.85 20.25 8.94
C LYS B 110 6.62 19.43 7.92
N ARG B 111 7.70 18.79 8.37
CA ARG B 111 8.48 17.95 7.47
C ARG B 111 7.86 16.55 7.45
N LEU B 112 6.99 16.27 8.42
CA LEU B 112 6.34 14.98 8.48
C LEU B 112 4.97 14.99 7.82
N PHE B 113 4.63 13.90 7.15
CA PHE B 113 3.34 13.77 6.50
C PHE B 113 2.93 12.30 6.55
N GLY B 114 1.67 12.05 6.86
CA GLY B 114 1.19 10.69 6.91
C GLY B 114 -0.26 10.60 6.47
N PHE B 115 -0.66 9.44 5.97
CA PHE B 115 -2.04 9.25 5.57
C PHE B 115 -2.44 7.81 5.84
N VAL B 116 -3.75 7.60 5.93
CA VAL B 116 -4.27 6.26 6.19
C VAL B 116 -5.07 5.79 4.98
N LEU B 117 -4.74 4.59 4.53
CA LEU B 117 -5.41 3.98 3.40
C LEU B 117 -6.36 2.92 3.96
N ARG B 118 -7.65 3.11 3.73
CA ARG B 118 -8.65 2.17 4.21
C ARG B 118 -9.16 1.34 3.03
N THR B 119 -8.94 0.03 3.11
CA THR B 119 -9.33 -0.91 2.06
C THR B 119 -10.48 -1.81 2.51
N SER B 120 -11.40 -2.09 1.58
CA SER B 120 -12.54 -2.96 1.88
C SER B 120 -12.21 -4.38 1.42
N SER B 121 -12.43 -5.36 2.28
CA SER B 121 -12.16 -6.76 1.99
C SER B 121 -12.98 -7.26 0.80
N LEU B 128 -11.97 -4.59 5.30
CA LEU B 128 -12.12 -3.75 6.47
C LEU B 128 -10.79 -3.64 7.24
N SER B 129 -9.78 -3.08 6.60
CA SER B 129 -8.46 -2.94 7.21
C SER B 129 -7.84 -1.59 6.84
N SER B 130 -7.03 -1.04 7.73
CA SER B 130 -6.39 0.24 7.49
C SER B 130 -4.90 0.20 7.73
N VAL B 131 -4.15 0.90 6.88
CA VAL B 131 -2.71 0.98 7.00
C VAL B 131 -2.31 2.45 6.97
N CYS B 132 -1.45 2.84 7.90
CA CYS B 132 -0.98 4.22 7.96
C CYS B 132 0.44 4.32 7.44
N TYR B 133 0.65 5.22 6.47
CA TYR B 133 1.94 5.46 5.83
C TYR B 133 2.56 6.77 6.28
N ILE B 134 3.81 6.71 6.72
CA ILE B 134 4.53 7.89 7.22
C ILE B 134 5.70 8.35 6.34
N PHE B 135 5.74 9.65 6.05
CA PHE B 135 6.79 10.25 5.22
C PHE B 135 7.43 11.48 5.83
N GLU B 136 8.55 11.87 5.24
CA GLU B 136 9.29 13.06 5.59
C GLU B 136 9.26 13.88 4.28
N SER B 137 9.18 15.20 4.36
CA SER B 137 9.17 16.03 3.16
C SER B 137 10.08 17.22 3.35
N ASN B 138 10.31 17.98 2.27
CA ASN B 138 11.17 19.14 2.34
C ASN B 138 10.39 20.35 2.85
N ASN B 139 9.84 20.20 4.05
CA ASN B 139 9.06 21.22 4.72
C ASN B 139 7.79 21.57 3.94
N GLU B 140 7.24 20.58 3.24
CA GLU B 140 6.03 20.82 2.45
C GLU B 140 4.81 20.06 2.99
N GLY B 141 4.87 19.63 4.25
CA GLY B 141 3.77 18.89 4.86
C GLY B 141 2.42 19.57 4.72
N GLU B 142 2.37 20.88 4.96
CA GLU B 142 1.13 21.60 4.87
C GLU B 142 0.68 21.72 3.41
N LYS B 143 1.59 22.06 2.51
CA LYS B 143 1.24 22.19 1.09
C LYS B 143 0.71 20.89 0.53
N ILE B 144 1.25 19.77 1.00
CA ILE B 144 0.81 18.46 0.53
C ILE B 144 -0.64 18.21 1.02
N CYS B 145 -0.90 18.49 2.30
CA CYS B 145 -2.25 18.31 2.84
C CYS B 145 -3.23 19.24 2.10
N ASP B 146 -2.79 20.46 1.80
CA ASP B 146 -3.63 21.41 1.08
C ASP B 146 -3.99 20.87 -0.30
N SER B 147 -3.02 20.24 -0.96
CA SER B 147 -3.22 19.68 -2.28
C SER B 147 -4.20 18.51 -2.24
N VAL B 148 -4.03 17.64 -1.24
CA VAL B 148 -4.89 16.48 -1.06
C VAL B 148 -6.29 16.98 -0.72
N GLY B 149 -6.36 17.98 0.15
CA GLY B 149 -7.66 18.54 0.52
C GLY B 149 -8.37 19.12 -0.69
N LEU B 150 -7.62 19.83 -1.54
CA LEU B 150 -8.20 20.44 -2.74
C LEU B 150 -8.81 19.37 -3.63
N ALA B 151 -8.07 18.30 -3.86
CA ALA B 151 -8.54 17.20 -4.69
C ALA B 151 -9.82 16.61 -4.13
N LYS B 152 -9.85 16.38 -2.82
CA LYS B 152 -11.04 15.83 -2.18
C LYS B 152 -12.22 16.81 -2.20
N GLN B 153 -11.92 18.09 -2.17
CA GLN B 153 -12.96 19.12 -2.22
C GLN B 153 -13.66 19.06 -3.58
N ILE B 154 -12.85 19.03 -4.64
CA ILE B 154 -13.38 18.98 -6.00
C ILE B 154 -14.30 17.78 -6.17
N ALA B 155 -13.87 16.62 -5.70
CA ALA B 155 -14.66 15.40 -5.79
C ALA B 155 -15.93 15.53 -4.98
N LEU B 156 -15.83 16.21 -3.84
CA LEU B 156 -16.97 16.41 -2.95
C LEU B 156 -17.99 17.37 -3.57
N HIS B 157 -17.51 18.42 -4.23
CA HIS B 157 -18.39 19.40 -4.86
C HIS B 157 -19.10 18.80 -6.08
N ALA B 158 -18.38 17.97 -6.84
CA ALA B 158 -18.97 17.35 -8.01
C ALA B 158 -20.14 16.47 -7.55
N GLU B 159 -19.94 15.78 -6.44
CA GLU B 159 -20.96 14.89 -5.87
C GLU B 159 -22.20 15.68 -5.42
N LEU B 160 -21.97 16.81 -4.74
CA LEU B 160 -23.08 17.64 -4.28
C LEU B 160 -23.87 18.18 -5.47
N ASP B 161 -23.15 18.59 -6.51
CA ASP B 161 -23.78 19.14 -7.72
C ASP B 161 -24.62 18.08 -8.42
N ARG B 162 -24.11 16.86 -8.45
CA ARG B 162 -24.80 15.74 -9.09
C ARG B 162 -26.12 15.49 -8.38
N ARG B 163 -26.09 15.39 -7.05
CA ARG B 163 -27.28 15.14 -6.26
C ARG B 163 -28.27 16.31 -6.31
N ALA B 164 -27.76 17.52 -6.52
CA ALA B 164 -28.63 18.70 -6.59
C ALA B 164 -29.43 18.72 -7.89
N SER B 165 -28.79 18.37 -9.00
CA SER B 165 -29.48 18.35 -10.30
C SER B 165 -30.50 17.23 -10.27
N GLU B 166 -30.15 16.17 -9.57
CA GLU B 166 -31.01 14.99 -9.45
C GLU B 166 -32.29 15.34 -8.71
N LYS B 167 -32.14 16.04 -7.58
CA LYS B 167 -33.30 16.43 -6.79
C LYS B 167 -34.16 17.51 -7.49
N GLN B 168 -33.52 18.39 -8.25
CA GLN B 168 -34.24 19.47 -8.95
C GLN B 168 -35.33 18.92 -9.86
N LYS B 169 -35.03 17.83 -10.54
CA LYS B 169 -36.00 17.18 -11.42
C LYS B 169 -37.17 16.66 -10.59
N GLU B 170 -36.83 16.07 -9.45
CA GLU B 170 -37.83 15.52 -8.54
C GLU B 170 -38.68 16.65 -7.97
N ILE B 171 -38.04 17.77 -7.66
CA ILE B 171 -38.75 18.92 -7.11
C ILE B 171 -39.82 19.47 -8.06
N GLU B 172 -39.40 19.80 -9.28
CA GLU B 172 -40.30 20.36 -10.29
C GLU B 172 -41.46 19.44 -10.66
N ARG B 173 -41.16 18.16 -10.88
CA ARG B 173 -42.20 17.18 -11.20
C ARG B 173 -42.91 16.82 -9.90
N VAL B 174 -43.57 17.79 -9.28
CA VAL B 174 -44.28 17.55 -8.02
C VAL B 174 -45.77 17.34 -8.25
#